data_3AYU
#
_entry.id   3AYU
#
_cell.length_a   61.881
_cell.length_b   76.060
_cell.length_c   37.082
_cell.angle_alpha   90.00
_cell.angle_beta   90.00
_cell.angle_gamma   90.00
#
_symmetry.space_group_name_H-M   'P 21 21 21'
#
loop_
_entity.id
_entity.type
_entity.pdbx_description
1 polymer '72 kDa type IV collagenase'
2 polymer 'Amyloid beta A4 protein'
3 non-polymer 'ZINC ION'
4 non-polymer 'CALCIUM ION'
5 water water
#
loop_
_entity_poly.entity_id
_entity_poly.type
_entity_poly.pdbx_seq_one_letter_code
_entity_poly.pdbx_strand_id
1 'polypeptide(L)'
;YNFFPRKPKWDKNQITYRIIGYTPDLDPETVDDAFARAFQVWSDVTPLRFSRIHDGEADIMINFGRWEHGDGYPFDGKDG
LLAHAFAPGTGVGGDSHFDDDELWTLGKGVGYSLFLVAAHAFGHAMGLEHSQDPGALMAPIYTYTKNFRLSQDDIKGIQE
LYGASPD
;
A
2 'polypeptide(L)' ISYGNDALMP B
#
# COMPACT_ATOMS: atom_id res chain seq x y z
N TYR A 1 -15.42 5.53 5.12
CA TYR A 1 -14.09 4.94 5.44
C TYR A 1 -14.22 3.96 6.59
N ASN A 2 -13.24 3.06 6.71
CA ASN A 2 -13.21 2.08 7.80
C ASN A 2 -11.79 1.80 8.28
N PHE A 3 -11.71 1.25 9.49
CA PHE A 3 -10.45 0.87 10.14
C PHE A 3 -10.45 -0.63 10.44
N PHE A 4 -9.26 -1.17 10.71
CA PHE A 4 -9.11 -2.54 11.21
C PHE A 4 -9.70 -2.62 12.63
N PRO A 5 -10.06 -3.82 13.07
CA PRO A 5 -10.53 -4.01 14.45
C PRO A 5 -9.57 -3.43 15.47
N ARG A 6 -10.10 -2.66 16.42
CA ARG A 6 -9.34 -2.00 17.48
C ARG A 6 -8.46 -0.83 16.99
N LYS A 7 -8.69 -0.39 15.75
CA LYS A 7 -8.02 0.77 15.15
C LYS A 7 -6.51 0.82 15.41
N PRO A 8 -5.77 -0.19 14.89
CA PRO A 8 -4.30 -0.11 15.00
C PRO A 8 -3.75 1.06 14.18
N LYS A 9 -2.72 1.71 14.72
CA LYS A 9 -2.01 2.76 13.98
C LYS A 9 -0.56 2.84 14.44
N TRP A 10 0.25 3.51 13.65
CA TRP A 10 1.64 3.75 13.99
C TRP A 10 1.68 4.71 15.16
N ASP A 11 2.53 4.41 16.14
CA ASP A 11 2.63 5.20 17.37
C ASP A 11 3.57 6.40 17.25
N LYS A 12 4.04 6.67 16.02
CA LYS A 12 4.94 7.77 15.74
C LYS A 12 4.64 8.27 14.32
N ASN A 13 5.03 9.51 14.02
CA ASN A 13 4.83 10.08 12.68
C ASN A 13 6.00 9.86 11.71
N GLN A 14 7.19 9.57 12.23
CA GLN A 14 8.35 9.26 11.39
C GLN A 14 8.40 7.74 11.15
N ILE A 15 8.08 7.34 9.93
CA ILE A 15 7.95 5.94 9.55
C ILE A 15 9.03 5.61 8.53
N THR A 16 9.72 4.49 8.72
CA THR A 16 10.72 4.06 7.75
C THR A 16 10.14 3.04 6.79
N TYR A 17 10.66 3.03 5.57
CA TYR A 17 10.38 1.96 4.63
C TYR A 17 11.66 1.46 3.97
N ARG A 18 11.60 0.24 3.46
CA ARG A 18 12.71 -0.38 2.74
C ARG A 18 12.20 -1.27 1.61
N ILE A 19 12.77 -1.09 0.42
CA ILE A 19 12.41 -1.89 -0.74
C ILE A 19 13.44 -3.02 -0.84
N ILE A 20 12.98 -4.23 -0.49
CA ILE A 20 13.84 -5.40 -0.35
C ILE A 20 14.08 -6.09 -1.69
N GLY A 21 13.15 -5.96 -2.61
CA GLY A 21 13.30 -6.60 -3.89
C GLY A 21 12.51 -5.89 -4.97
N TYR A 22 12.76 -6.32 -6.20
CA TYR A 22 12.26 -5.63 -7.37
C TYR A 22 11.55 -6.58 -8.34
N THR A 23 10.82 -5.96 -9.27
CA THR A 23 10.17 -6.66 -10.37
C THR A 23 10.96 -6.44 -11.66
N PRO A 24 11.03 -7.48 -12.54
CA PRO A 24 11.61 -7.30 -13.88
C PRO A 24 10.75 -6.43 -14.80
N ASP A 25 9.54 -6.09 -14.36
CA ASP A 25 8.57 -5.40 -15.23
C ASP A 25 8.89 -3.94 -15.48
N LEU A 26 9.57 -3.31 -14.53
CA LEU A 26 9.88 -1.88 -14.57
C LEU A 26 11.32 -1.62 -14.14
N ASP A 27 11.88 -0.49 -14.58
CA ASP A 27 13.19 -0.01 -14.15
C ASP A 27 13.13 0.21 -12.63
N PRO A 28 14.22 -0.12 -11.90
CA PRO A 28 14.21 0.08 -10.43
C PRO A 28 13.90 1.52 -10.01
N GLU A 29 14.39 2.48 -10.80
CA GLU A 29 14.11 3.89 -10.54
C GLU A 29 12.62 4.21 -10.63
N THR A 30 11.94 3.62 -11.63
CA THR A 30 10.49 3.77 -11.80
C THR A 30 9.73 3.12 -10.64
N VAL A 31 10.24 1.99 -10.16
CA VAL A 31 9.65 1.28 -9.02
C VAL A 31 9.77 2.15 -7.76
N ASP A 32 11.00 2.59 -7.47
CA ASP A 32 11.28 3.51 -6.35
C ASP A 32 10.39 4.77 -6.38
N ASP A 33 10.28 5.39 -7.55
CA ASP A 33 9.47 6.61 -7.70
C ASP A 33 7.99 6.32 -7.42
N ALA A 34 7.50 5.20 -7.96
CA ALA A 34 6.11 4.78 -7.77
C ALA A 34 5.78 4.64 -6.30
N PHE A 35 6.66 3.97 -5.56
CA PHE A 35 6.50 3.83 -4.11
C PHE A 35 6.59 5.19 -3.39
N ALA A 36 7.58 6.01 -3.74
CA ALA A 36 7.72 7.35 -3.15
C ALA A 36 6.45 8.17 -3.34
N ARG A 37 5.90 8.17 -4.55
CA ARG A 37 4.70 8.95 -4.82
C ARG A 37 3.48 8.37 -4.08
N ALA A 38 3.43 7.05 -3.94
CA ALA A 38 2.36 6.38 -3.18
C ALA A 38 2.35 6.81 -1.71
N PHE A 39 3.52 6.89 -1.09
CA PHE A 39 3.65 7.41 0.29
C PHE A 39 3.25 8.88 0.38
N GLN A 40 3.65 9.68 -0.61
CA GLN A 40 3.34 11.11 -0.61
C GLN A 40 1.82 11.39 -0.60
N VAL A 41 1.06 10.53 -1.27
CA VAL A 41 -0.41 10.59 -1.22
C VAL A 41 -0.88 10.77 0.22
N TRP A 42 -0.33 9.96 1.13
CA TRP A 42 -0.74 9.98 2.54
C TRP A 42 -0.06 11.09 3.36
N SER A 43 1.22 11.34 3.08
CA SER A 43 1.91 12.40 3.82
C SER A 43 1.38 13.80 3.44
N ASP A 44 0.74 13.91 2.28
CA ASP A 44 0.05 15.13 1.86
C ASP A 44 -1.01 15.64 2.85
N VAL A 45 -1.64 14.71 3.58
CA VAL A 45 -2.81 15.03 4.37
C VAL A 45 -2.73 14.58 5.84
N THR A 46 -1.53 14.16 6.26
CA THR A 46 -1.26 13.79 7.66
C THR A 46 0.12 14.31 8.04
N PRO A 47 0.47 14.25 9.33
CA PRO A 47 1.84 14.51 9.72
C PRO A 47 2.77 13.29 9.56
N LEU A 48 2.32 12.26 8.84
CA LEU A 48 3.17 11.10 8.58
C LEU A 48 4.25 11.47 7.59
N ARG A 49 5.48 11.08 7.91
CA ARG A 49 6.64 11.32 7.09
C ARG A 49 7.39 10.02 6.91
N PHE A 50 7.64 9.67 5.65
CA PHE A 50 8.17 8.37 5.28
C PHE A 50 9.61 8.52 4.82
N SER A 51 10.52 7.81 5.48
CA SER A 51 11.95 7.84 5.17
C SER A 51 12.44 6.46 4.72
N ARG A 52 13.14 6.44 3.58
CA ARG A 52 13.67 5.21 3.05
C ARG A 52 14.97 4.85 3.80
N ILE A 53 15.18 3.55 4.02
CA ILE A 53 16.47 3.04 4.47
C ILE A 53 16.87 1.87 3.56
N HIS A 54 18.15 1.54 3.52
CA HIS A 54 18.66 0.46 2.66
C HIS A 54 19.26 -0.70 3.45
N ASP A 55 19.18 -0.63 4.78
CA ASP A 55 19.68 -1.71 5.63
C ASP A 55 18.82 -1.82 6.88
N GLY A 56 18.73 -3.02 7.43
CA GLY A 56 17.98 -3.26 8.66
C GLY A 56 16.48 -3.35 8.43
N GLU A 57 15.74 -3.42 9.53
CA GLU A 57 14.30 -3.61 9.47
C GLU A 57 13.58 -2.27 9.53
N ALA A 58 12.97 -1.87 8.41
CA ALA A 58 12.13 -0.68 8.36
C ALA A 58 10.76 -1.04 8.88
N ASP A 59 10.00 -0.04 9.29
CA ASP A 59 8.60 -0.25 9.68
C ASP A 59 7.83 -0.95 8.56
N ILE A 60 7.88 -0.38 7.36
CA ILE A 60 7.22 -0.91 6.19
C ILE A 60 8.26 -1.55 5.26
N MET A 61 8.31 -2.88 5.33
CA MET A 61 9.18 -3.67 4.47
C MET A 61 8.42 -3.99 3.19
N ILE A 62 8.98 -3.53 2.07
CA ILE A 62 8.33 -3.65 0.77
C ILE A 62 9.05 -4.68 -0.08
N ASN A 63 8.30 -5.57 -0.72
CA ASN A 63 8.89 -6.60 -1.57
C ASN A 63 7.91 -7.07 -2.64
N PHE A 64 8.45 -7.69 -3.68
CA PHE A 64 7.68 -8.42 -4.65
C PHE A 64 7.77 -9.90 -4.31
N GLY A 65 6.72 -10.66 -4.60
CA GLY A 65 6.70 -12.09 -4.32
C GLY A 65 5.80 -12.85 -5.25
N ARG A 66 5.93 -14.18 -5.21
CA ARG A 66 5.07 -15.07 -5.98
C ARG A 66 4.65 -16.22 -5.09
N TRP A 67 3.41 -16.67 -5.25
CA TRP A 67 2.88 -17.83 -4.51
C TRP A 67 3.23 -17.69 -3.02
N GLU A 68 3.73 -18.73 -2.36
CA GLU A 68 4.16 -18.59 -0.97
C GLU A 68 5.50 -17.85 -0.93
N HIS A 69 5.54 -16.72 -0.22
CA HIS A 69 6.72 -15.86 -0.21
C HIS A 69 7.23 -15.51 1.20
N GLY A 70 6.86 -16.31 2.19
CA GLY A 70 7.49 -16.26 3.53
C GLY A 70 6.61 -15.81 4.68
N ASP A 71 5.38 -15.37 4.42
CA ASP A 71 4.51 -14.89 5.49
C ASP A 71 3.27 -15.75 5.70
N GLY A 72 3.17 -16.84 4.94
CA GLY A 72 2.04 -17.77 5.08
C GLY A 72 0.73 -17.24 4.53
N TYR A 73 0.79 -16.10 3.84
CA TYR A 73 -0.34 -15.57 3.10
C TYR A 73 0.06 -15.60 1.63
N PRO A 74 -0.09 -16.77 0.99
CA PRO A 74 0.47 -16.89 -0.36
C PRO A 74 -0.28 -16.10 -1.41
N PHE A 75 0.46 -15.62 -2.41
CA PHE A 75 -0.16 -15.11 -3.63
C PHE A 75 -0.65 -16.27 -4.50
N ASP A 76 -1.25 -15.97 -5.65
CA ASP A 76 -2.09 -16.94 -6.35
C ASP A 76 -1.89 -16.95 -7.88
N GLY A 77 -0.72 -16.55 -8.36
CA GLY A 77 -0.49 -16.43 -9.80
C GLY A 77 -1.16 -15.18 -10.38
N LYS A 78 -1.24 -15.09 -11.70
CA LYS A 78 -1.85 -13.91 -12.31
C LYS A 78 -3.34 -13.83 -11.98
N ASP A 79 -3.84 -12.60 -11.79
CA ASP A 79 -5.23 -12.34 -11.38
C ASP A 79 -5.39 -12.59 -9.87
N GLY A 80 -6.63 -12.58 -9.37
CA GLY A 80 -6.87 -12.76 -7.95
C GLY A 80 -6.22 -11.62 -7.17
N LEU A 81 -5.50 -11.97 -6.10
CA LEU A 81 -4.76 -10.99 -5.31
C LEU A 81 -3.68 -10.33 -6.17
N LEU A 82 -3.64 -8.99 -6.15
CA LEU A 82 -2.60 -8.24 -6.83
C LEU A 82 -1.45 -7.86 -5.88
N ALA A 83 -1.79 -7.72 -4.61
CA ALA A 83 -0.88 -7.31 -3.57
C ALA A 83 -1.57 -7.49 -2.23
N HIS A 84 -0.83 -7.36 -1.15
CA HIS A 84 -1.43 -7.21 0.16
C HIS A 84 -0.52 -6.43 1.13
N ALA A 85 -1.14 -5.99 2.22
CA ALA A 85 -0.42 -5.29 3.27
C ALA A 85 -1.02 -5.56 4.65
N PHE A 86 -0.15 -5.53 5.65
CA PHE A 86 -0.56 -5.75 7.03
C PHE A 86 -0.83 -4.43 7.75
N ALA A 87 -1.84 -4.44 8.61
CA ALA A 87 -2.17 -3.30 9.46
C ALA A 87 -0.96 -2.88 10.29
N PRO A 88 -0.96 -1.62 10.78
CA PRO A 88 0.16 -1.16 11.61
C PRO A 88 0.45 -2.07 12.80
N GLY A 89 1.72 -2.25 13.10
CA GLY A 89 2.16 -3.11 14.18
C GLY A 89 3.62 -3.45 13.99
N THR A 90 4.19 -4.15 14.97
CA THR A 90 5.57 -4.63 14.89
C THR A 90 5.68 -5.83 13.94
N GLY A 91 6.91 -6.21 13.62
CA GLY A 91 7.18 -7.37 12.77
C GLY A 91 6.57 -7.19 11.39
N VAL A 92 5.70 -8.12 11.00
CA VAL A 92 5.09 -8.09 9.66
C VAL A 92 4.07 -6.95 9.49
N GLY A 93 3.67 -6.33 10.61
CA GLY A 93 2.75 -5.19 10.57
C GLY A 93 3.31 -4.11 9.68
N GLY A 94 2.44 -3.50 8.88
CA GLY A 94 2.85 -2.48 7.94
C GLY A 94 3.44 -2.99 6.63
N ASP A 95 3.94 -4.23 6.61
CA ASP A 95 4.66 -4.72 5.42
C ASP A 95 3.73 -4.86 4.24
N SER A 96 4.27 -4.59 3.06
CA SER A 96 3.48 -4.47 1.84
C SER A 96 4.15 -5.27 0.76
N HIS A 97 3.43 -6.28 0.24
CA HIS A 97 3.97 -7.18 -0.76
C HIS A 97 3.14 -7.14 -2.04
N PHE A 98 3.83 -7.24 -3.17
CA PHE A 98 3.19 -7.13 -4.48
C PHE A 98 3.41 -8.41 -5.30
N ASP A 99 2.32 -8.96 -5.82
CA ASP A 99 2.36 -10.21 -6.56
C ASP A 99 3.03 -9.99 -7.91
N ASP A 100 4.25 -10.50 -8.07
CA ASP A 100 4.97 -10.32 -9.33
C ASP A 100 4.52 -11.27 -10.45
N ASP A 101 3.53 -12.11 -10.18
CA ASP A 101 2.80 -12.78 -11.26
C ASP A 101 1.81 -11.84 -11.96
N GLU A 102 1.61 -10.63 -11.42
CA GLU A 102 0.94 -9.56 -12.17
C GLU A 102 1.97 -8.81 -13.00
N LEU A 103 1.52 -8.17 -14.08
CA LEU A 103 2.39 -7.25 -14.83
C LEU A 103 2.26 -5.85 -14.25
N TRP A 104 3.37 -5.37 -13.71
CA TRP A 104 3.43 -4.03 -13.15
C TRP A 104 3.82 -3.02 -14.23
N THR A 105 2.96 -2.04 -14.41
CA THR A 105 3.14 -0.96 -15.36
C THR A 105 2.80 0.34 -14.60
N LEU A 106 2.52 1.41 -15.32
CA LEU A 106 1.94 2.61 -14.69
C LEU A 106 0.47 2.78 -15.12
N GLY A 107 -0.14 1.68 -15.54
CA GLY A 107 -1.59 1.62 -15.79
C GLY A 107 -1.97 1.00 -17.12
N LYS A 108 -1.05 1.02 -18.08
CA LYS A 108 -1.33 0.50 -19.41
C LYS A 108 -1.13 -1.02 -19.49
N GLY A 109 -1.71 -1.61 -20.53
CA GLY A 109 -1.48 -3.01 -20.85
C GLY A 109 -2.29 -3.97 -19.99
N VAL A 110 -1.98 -5.26 -20.11
CA VAL A 110 -2.64 -6.31 -19.36
C VAL A 110 -1.96 -6.36 -18.01
N GLY A 111 -2.23 -5.33 -17.22
CA GLY A 111 -1.48 -5.07 -16.00
C GLY A 111 -2.02 -3.89 -15.21
N TYR A 112 -1.27 -3.50 -14.19
CA TYR A 112 -1.73 -2.61 -13.15
C TYR A 112 -0.70 -1.53 -12.82
N SER A 113 -1.19 -0.32 -12.55
CA SER A 113 -0.32 0.76 -12.09
C SER A 113 0.27 0.42 -10.72
N LEU A 114 1.58 0.24 -10.65
CA LEU A 114 2.25 0.02 -9.37
C LEU A 114 2.00 1.18 -8.38
N PHE A 115 1.96 2.41 -8.89
CA PHE A 115 1.65 3.58 -8.08
C PHE A 115 0.27 3.49 -7.41
N LEU A 116 -0.75 3.21 -8.21
CA LEU A 116 -2.13 3.10 -7.67
C LEU A 116 -2.30 1.94 -6.68
N VAL A 117 -1.78 0.75 -7.02
CA VAL A 117 -1.92 -0.40 -6.11
C VAL A 117 -1.12 -0.17 -4.80
N ALA A 118 0.08 0.39 -4.92
CA ALA A 118 0.92 0.74 -3.76
C ALA A 118 0.25 1.77 -2.85
N ALA A 119 -0.34 2.80 -3.45
CA ALA A 119 -1.07 3.82 -2.67
C ALA A 119 -2.22 3.20 -1.87
N HIS A 120 -2.94 2.28 -2.51
CA HIS A 120 -4.04 1.55 -1.86
C HIS A 120 -3.48 0.67 -0.76
N ALA A 121 -2.47 -0.13 -1.10
CA ALA A 121 -1.81 -1.05 -0.15
C ALA A 121 -1.26 -0.31 1.06
N PHE A 122 -0.61 0.82 0.81
CA PHE A 122 -0.07 1.65 1.88
C PHE A 122 -1.18 2.22 2.78
N GLY A 123 -2.37 2.40 2.22
CA GLY A 123 -3.54 2.77 3.03
C GLY A 123 -3.82 1.74 4.12
N HIS A 124 -3.78 0.48 3.75
CA HIS A 124 -3.91 -0.62 4.71
C HIS A 124 -2.77 -0.63 5.71
N ALA A 125 -1.55 -0.41 5.20
CA ALA A 125 -0.34 -0.37 6.03
C ALA A 125 -0.37 0.77 7.07
N MET A 126 -1.20 1.77 6.82
CA MET A 126 -1.41 2.89 7.72
C MET A 126 -2.60 2.70 8.69
N GLY A 127 -3.42 1.67 8.45
CA GLY A 127 -4.53 1.34 9.33
C GLY A 127 -5.92 1.54 8.76
N LEU A 128 -6.01 1.77 7.45
CA LEU A 128 -7.31 1.91 6.80
C LEU A 128 -7.78 0.60 6.19
N GLU A 129 -9.02 0.25 6.49
CA GLU A 129 -9.71 -0.84 5.83
C GLU A 129 -10.37 -0.33 4.55
N HIS A 130 -11.05 -1.23 3.83
CA HIS A 130 -11.78 -0.85 2.64
C HIS A 130 -12.94 0.08 2.94
N SER A 131 -13.19 1.00 2.01
CA SER A 131 -14.25 1.99 2.12
C SER A 131 -15.46 1.58 1.29
N GLN A 132 -16.65 1.91 1.79
CA GLN A 132 -17.89 1.74 1.03
C GLN A 132 -18.09 2.86 0.00
N ASP A 133 -17.27 3.90 0.07
CA ASP A 133 -17.28 4.98 -0.93
C ASP A 133 -16.58 4.49 -2.20
N PRO A 134 -17.33 4.37 -3.31
CA PRO A 134 -16.75 3.78 -4.52
C PRO A 134 -15.62 4.61 -5.15
N GLY A 135 -15.64 5.93 -4.94
CA GLY A 135 -14.60 6.81 -5.45
C GLY A 135 -13.33 6.89 -4.61
N ALA A 136 -13.28 6.19 -3.48
CA ALA A 136 -12.13 6.25 -2.58
C ALA A 136 -10.95 5.39 -3.05
N LEU A 137 -9.74 5.84 -2.73
CA LEU A 137 -8.54 5.03 -2.91
C LEU A 137 -8.70 3.68 -2.20
N MET A 138 -9.34 3.71 -1.02
CA MET A 138 -9.55 2.49 -0.24
C MET A 138 -10.78 1.66 -0.65
N ALA A 139 -11.40 1.99 -1.78
CA ALA A 139 -12.47 1.12 -2.31
C ALA A 139 -11.86 -0.25 -2.61
N PRO A 140 -12.65 -1.33 -2.43
CA PRO A 140 -12.12 -2.68 -2.59
C PRO A 140 -11.88 -3.11 -4.05
N ILE A 141 -12.05 -2.18 -4.99
CA ILE A 141 -11.86 -2.43 -6.41
C ILE A 141 -10.75 -1.54 -6.96
N TYR A 142 -9.90 -2.10 -7.81
CA TYR A 142 -8.93 -1.31 -8.58
C TYR A 142 -9.61 -0.68 -9.79
N THR A 143 -9.51 0.64 -9.89
CA THR A 143 -9.93 1.39 -11.07
C THR A 143 -8.77 2.29 -11.48
N TYR A 144 -8.34 2.21 -12.74
CA TYR A 144 -7.26 3.07 -13.19
C TYR A 144 -7.80 4.46 -13.54
N THR A 145 -6.99 5.47 -13.24
CA THR A 145 -7.23 6.85 -13.67
C THR A 145 -5.88 7.53 -13.97
N LYS A 146 -5.88 8.43 -14.95
CA LYS A 146 -4.66 9.14 -15.39
C LYS A 146 -4.18 10.21 -14.41
N ASN A 147 -5.11 10.82 -13.67
CA ASN A 147 -4.77 11.90 -12.73
C ASN A 147 -5.39 11.62 -11.37
N PHE A 148 -4.69 10.83 -10.57
CA PHE A 148 -5.22 10.38 -9.30
C PHE A 148 -5.34 11.55 -8.32
N ARG A 149 -6.43 11.56 -7.55
CA ARG A 149 -6.56 12.48 -6.42
C ARG A 149 -7.24 11.77 -5.26
N LEU A 150 -6.62 11.84 -4.08
CA LEU A 150 -7.18 11.27 -2.85
C LEU A 150 -8.58 11.83 -2.60
N SER A 151 -9.54 10.96 -2.32
CA SER A 151 -10.92 11.42 -2.09
C SER A 151 -11.08 11.96 -0.68
N GLN A 152 -12.17 12.69 -0.46
CA GLN A 152 -12.50 13.22 0.87
C GLN A 152 -12.72 12.09 1.89
N ASP A 153 -13.32 10.99 1.46
CA ASP A 153 -13.49 9.83 2.33
C ASP A 153 -12.15 9.33 2.87
N ASP A 154 -11.14 9.23 2.01
CA ASP A 154 -9.80 8.78 2.40
C ASP A 154 -9.13 9.78 3.34
N ILE A 155 -9.29 11.07 3.04
CA ILE A 155 -8.68 12.13 3.82
C ILE A 155 -9.25 12.13 5.23
N LYS A 156 -10.59 12.10 5.33
CA LYS A 156 -11.27 12.06 6.62
C LYS A 156 -10.90 10.83 7.41
N GLY A 157 -10.80 9.68 6.74
CA GLY A 157 -10.45 8.45 7.41
C GLY A 157 -9.04 8.47 7.99
N ILE A 158 -8.06 8.84 7.16
CA ILE A 158 -6.66 8.79 7.58
C ILE A 158 -6.40 9.83 8.69
N GLN A 159 -7.05 10.99 8.58
CA GLN A 159 -6.91 12.04 9.58
C GLN A 159 -7.60 11.71 10.89
N GLU A 160 -8.60 10.81 10.85
CA GLU A 160 -9.22 10.38 12.10
C GLU A 160 -8.24 9.53 12.91
N LEU A 161 -7.32 8.84 12.22
CA LEU A 161 -6.23 8.12 12.91
C LEU A 161 -5.05 9.01 13.29
N TYR A 162 -4.63 9.91 12.41
CA TYR A 162 -3.35 10.65 12.57
C TYR A 162 -3.43 12.19 12.69
N GLY A 163 -4.62 12.76 12.49
CA GLY A 163 -4.77 14.21 12.43
C GLY A 163 -4.26 14.80 11.12
N ALA A 164 -4.39 16.11 10.97
CA ALA A 164 -3.81 16.84 9.83
C ALA A 164 -2.52 17.51 10.31
N SER A 165 -1.60 17.79 9.38
CA SER A 165 -0.41 18.59 9.73
C SER A 165 -0.87 20.00 10.13
N PRO A 166 -0.26 20.57 11.19
CA PRO A 166 -0.55 21.98 11.54
C PRO A 166 -0.12 22.99 10.45
N ILE B 1 -10.94 -4.23 -11.40
CA ILE B 1 -10.91 -5.63 -10.86
C ILE B 1 -10.86 -5.55 -9.34
N SER B 2 -11.45 -6.52 -8.66
CA SER B 2 -11.39 -6.56 -7.19
C SER B 2 -9.95 -6.72 -6.68
N TYR B 3 -9.64 -6.07 -5.57
CA TYR B 3 -8.39 -6.34 -4.85
C TYR B 3 -8.44 -7.65 -4.06
N GLY B 4 -9.64 -8.16 -3.77
CA GLY B 4 -9.77 -9.39 -2.95
C GLY B 4 -9.45 -9.04 -1.49
N ASN B 5 -9.10 -10.02 -0.67
CA ASN B 5 -8.81 -9.66 0.72
C ASN B 5 -7.30 -9.43 0.92
N ASP B 6 -6.92 -8.20 0.54
CA ASP B 6 -5.54 -7.76 0.55
C ASP B 6 -5.22 -7.01 1.83
N ALA B 7 -6.22 -6.88 2.71
CA ALA B 7 -6.07 -6.15 3.96
C ALA B 7 -5.90 -7.13 5.11
N LEU B 8 -4.67 -7.32 5.55
CA LEU B 8 -4.33 -8.35 6.53
C LEU B 8 -3.98 -7.75 7.89
N MET B 9 -3.97 -8.59 8.93
CA MET B 9 -3.55 -8.16 10.26
C MET B 9 -2.38 -8.99 10.75
N PRO B 10 -1.39 -8.33 11.40
CA PRO B 10 -0.19 -9.04 11.83
C PRO B 10 -0.46 -9.89 13.07
#